data_9ATJ
#
_entry.id   9ATJ
#
_cell.length_a   101.219
_cell.length_b   58.010
_cell.length_c   49.855
_cell.angle_alpha   90.00
_cell.angle_beta   112.47
_cell.angle_gamma   90.00
#
_symmetry.space_group_name_H-M   'C 1 2 1'
#
loop_
_entity.id
_entity.type
_entity.pdbx_description
1 polymer '3C-like proteinase nsp5'
2 non-polymer 'MAGNESIUM ION'
3 non-polymer '(1S,2S)-2-({N-[({(2S)-1-[(3-chlorophenyl)methyl]-5-oxopyrrolidin-2-yl}methoxy)carbonyl]-L-leucyl}amino)-1-hydroxy-3-[(3S)-2-oxopyrrolidin-3-yl]propane-1-sulfonic acid'
4 non-polymer '(1R,2S)-2-({N-[({(2S)-1-[(3-chlorophenyl)methyl]-5-oxopyrrolidin-2-yl}methoxy)carbonyl]-L-leucyl}amino)-1-hydroxy-3-[(3S)-2-oxopyrrolidin-3-yl]propane-1-sulfonic acid'
5 water water
#
_entity_poly.entity_id   1
_entity_poly.type   'polypeptide(L)'
_entity_poly.pdbx_seq_one_letter_code
;MHHHHHHSGLVKMSHPSGDVEACMVQVTCGSMTLNGLWLDNTVWCPRHVMCPADQLSDPNYDALLISMTNHSFSVQKHIG
APANLRVVGHAMQGTLLKLTVDVANPSTPAYTFTTVKPGAAFSVLACYNGRPTGTFTVVMRPNYTIKGSFLCGSCGSVGY
TKEGSVINFCYMHQMELANGTHTGSAFDGTMYGAFMDKQVHQVQLTDKYCSVNVVAWLYAAILNGCAWFVKPNRTSVVSF
NEWALANQFTEFVGTQSVDMLAVKTGVAIEQLLYAIQQLYTGFQGKQILGSTMLEDEFTPEDVNMQIMGVVMQ
;
_entity_poly.pdbx_strand_id   A
#
# COMPACT_ATOMS: atom_id res chain seq x y z
N HIS A 6 27.88 -10.36 1.19
CA HIS A 6 27.03 -11.09 2.18
C HIS A 6 25.60 -10.57 2.05
N HIS A 7 24.71 -11.48 1.65
CA HIS A 7 23.30 -11.14 1.52
C HIS A 7 22.65 -11.05 2.88
N SER A 8 21.79 -10.03 3.05
CA SER A 8 21.22 -9.72 4.34
C SER A 8 20.13 -10.69 4.76
N GLY A 9 19.60 -11.47 3.84
CA GLY A 9 18.45 -12.29 4.13
C GLY A 9 17.14 -11.57 4.00
N LEU A 10 17.15 -10.31 3.57
CA LEU A 10 15.93 -9.57 3.34
C LEU A 10 15.51 -9.60 1.89
N VAL A 11 14.23 -9.84 1.68
CA VAL A 11 13.60 -9.71 0.38
C VAL A 11 12.29 -8.97 0.57
N LYS A 12 11.77 -8.45 -0.53
CA LYS A 12 10.41 -7.91 -0.56
C LYS A 12 9.46 -9.09 -0.49
N MET A 13 8.87 -9.30 0.67
N MET A 13 8.91 -9.31 0.68
CA MET A 13 8.06 -10.48 0.98
CA MET A 13 8.06 -10.46 0.94
C MET A 13 6.59 -10.11 1.07
C MET A 13 6.61 -9.99 0.94
N SER A 14 5.78 -10.66 0.16
CA SER A 14 4.35 -10.47 0.15
C SER A 14 3.66 -11.65 0.85
N HIS A 15 2.45 -11.42 1.31
CA HIS A 15 1.64 -12.51 1.78
C HIS A 15 1.33 -13.46 0.64
N PRO A 16 1.10 -14.73 0.93
CA PRO A 16 0.53 -15.60 -0.10
C PRO A 16 -0.82 -15.02 -0.53
N SER A 17 -1.09 -15.05 -1.83
CA SER A 17 -2.20 -14.31 -2.40
C SER A 17 -3.47 -15.11 -2.63
N GLY A 18 -3.45 -16.42 -2.38
CA GLY A 18 -4.57 -17.26 -2.82
C GLY A 18 -5.91 -16.82 -2.27
N ASP A 19 -5.96 -16.45 -1.00
CA ASP A 19 -7.25 -16.10 -0.42
C ASP A 19 -7.83 -14.87 -1.10
N VAL A 20 -6.98 -13.96 -1.53
CA VAL A 20 -7.45 -12.75 -2.18
C VAL A 20 -7.77 -13.01 -3.65
N GLU A 21 -6.97 -13.87 -4.30
CA GLU A 21 -7.27 -14.23 -5.69
C GLU A 21 -8.71 -14.70 -5.83
N ALA A 22 -9.21 -15.46 -4.87
CA ALA A 22 -10.54 -16.03 -4.94
C ALA A 22 -11.63 -15.00 -4.75
N CYS A 23 -11.26 -13.75 -4.51
CA CYS A 23 -12.22 -12.68 -4.35
C CYS A 23 -12.22 -11.69 -5.50
N MET A 24 -11.35 -11.79 -6.48
CA MET A 24 -11.25 -10.85 -7.58
C MET A 24 -12.23 -11.17 -8.69
N VAL A 25 -12.89 -10.10 -9.16
CA VAL A 25 -13.86 -10.16 -10.25
C VAL A 25 -13.58 -9.03 -11.22
N GLN A 26 -14.17 -9.14 -12.39
CA GLN A 26 -14.19 -8.08 -13.38
C GLN A 26 -15.53 -7.35 -13.28
N VAL A 27 -15.50 -6.02 -13.31
CA VAL A 27 -16.70 -5.18 -13.30
C VAL A 27 -16.69 -4.33 -14.56
N THR A 28 -17.80 -4.36 -15.27
CA THR A 28 -17.94 -3.58 -16.50
C THR A 28 -19.18 -2.72 -16.39
N CYS A 29 -19.05 -1.48 -16.84
CA CYS A 29 -20.16 -0.55 -16.90
C CYS A 29 -19.96 0.23 -18.19
N GLY A 30 -20.85 0.01 -19.15
CA GLY A 30 -20.69 0.63 -20.46
C GLY A 30 -19.40 0.21 -21.14
N SER A 31 -18.64 1.20 -21.55
CA SER A 31 -17.37 0.97 -22.21
C SER A 31 -16.19 0.80 -21.24
N MET A 32 -16.43 0.91 -19.94
CA MET A 32 -15.37 0.85 -18.95
C MET A 32 -15.34 -0.51 -18.28
N THR A 33 -14.14 -1.03 -18.04
CA THR A 33 -13.99 -2.27 -17.31
C THR A 33 -12.82 -2.15 -16.37
N LEU A 34 -12.95 -2.75 -15.20
CA LEU A 34 -11.84 -2.76 -14.24
C LEU A 34 -12.09 -3.90 -13.25
N ASN A 35 -11.31 -3.98 -12.18
CA ASN A 35 -11.42 -5.07 -11.23
C ASN A 35 -12.28 -4.68 -10.03
N GLY A 36 -12.88 -5.71 -9.41
CA GLY A 36 -13.57 -5.54 -8.16
C GLY A 36 -13.22 -6.64 -7.18
N LEU A 37 -13.63 -6.42 -5.94
CA LEU A 37 -13.39 -7.33 -4.83
C LEU A 37 -14.73 -7.82 -4.29
N TRP A 38 -14.93 -9.13 -4.33
CA TRP A 38 -16.18 -9.78 -3.98
C TRP A 38 -16.06 -10.44 -2.62
N LEU A 39 -16.77 -9.87 -1.66
CA LEU A 39 -16.79 -10.38 -0.29
C LEU A 39 -18.24 -10.50 0.14
N ASP A 40 -18.63 -11.67 0.63
CA ASP A 40 -20.03 -11.89 1.01
C ASP A 40 -20.89 -11.54 -0.22
N ASN A 41 -21.91 -10.70 -0.07
CA ASN A 41 -22.78 -10.32 -1.18
C ASN A 41 -22.45 -8.94 -1.75
N THR A 42 -21.25 -8.44 -1.50
CA THR A 42 -20.83 -7.12 -1.95
C THR A 42 -19.64 -7.23 -2.90
N VAL A 43 -19.67 -6.40 -3.95
CA VAL A 43 -18.52 -6.19 -4.84
C VAL A 43 -18.13 -4.73 -4.75
N TRP A 44 -16.89 -4.48 -4.32
CA TRP A 44 -16.32 -3.16 -4.27
C TRP A 44 -15.53 -2.89 -5.54
N CYS A 45 -15.64 -1.67 -6.07
CA CYS A 45 -14.81 -1.31 -7.20
C CYS A 45 -14.68 0.21 -7.25
N PRO A 46 -13.73 0.74 -8.01
CA PRO A 46 -13.64 2.20 -8.14
C PRO A 46 -14.85 2.75 -8.84
N ARG A 47 -15.29 3.91 -8.36
CA ARG A 47 -16.48 4.51 -8.95
C ARG A 47 -16.26 5.02 -10.36
N HIS A 48 -15.00 5.25 -10.78
CA HIS A 48 -14.80 5.77 -12.14
C HIS A 48 -15.13 4.76 -13.22
N VAL A 49 -15.48 3.52 -12.86
CA VAL A 49 -16.02 2.61 -13.84
C VAL A 49 -17.27 3.17 -14.48
N MET A 50 -17.96 4.06 -13.79
CA MET A 50 -19.17 4.68 -14.32
C MET A 50 -18.92 5.83 -15.28
N CYS A 51 -17.71 6.27 -15.37
CA CYS A 51 -17.42 7.51 -16.06
CA CYS A 51 -17.37 7.51 -16.06
C CYS A 51 -17.06 7.23 -17.52
N PRO A 52 -17.71 7.88 -18.46
CA PRO A 52 -17.24 7.78 -19.85
C PRO A 52 -15.91 8.51 -20.01
N ALA A 53 -15.15 8.10 -21.02
CA ALA A 53 -13.83 8.70 -21.23
C ALA A 53 -13.91 10.21 -21.46
N ASP A 54 -15.02 10.70 -22.02
CA ASP A 54 -15.12 12.13 -22.30
C ASP A 54 -15.39 12.97 -21.06
N GLN A 55 -15.54 12.34 -19.88
CA GLN A 55 -15.80 13.07 -18.65
C GLN A 55 -14.77 12.79 -17.55
N LEU A 56 -13.73 12.01 -17.83
CA LEU A 56 -12.82 11.59 -16.77
C LEU A 56 -12.15 12.76 -16.06
N SER A 57 -12.03 13.91 -16.71
CA SER A 57 -11.34 15.03 -16.11
CA SER A 57 -11.34 15.04 -16.12
C SER A 57 -12.21 15.81 -15.13
N ASP A 58 -13.55 15.73 -15.24
CA ASP A 58 -14.44 16.43 -14.33
C ASP A 58 -15.76 15.66 -14.22
N PRO A 59 -15.71 14.42 -13.75
CA PRO A 59 -16.95 13.64 -13.61
C PRO A 59 -17.89 14.22 -12.57
N ASN A 60 -19.18 14.09 -12.82
CA ASN A 60 -20.19 14.38 -11.80
C ASN A 60 -20.66 13.03 -11.30
N TYR A 61 -19.97 12.54 -10.27
CA TYR A 61 -20.26 11.19 -9.81
C TYR A 61 -21.66 11.05 -9.22
N ASP A 62 -22.19 12.09 -8.60
CA ASP A 62 -23.57 12.01 -8.10
C ASP A 62 -24.54 11.78 -9.24
N ALA A 63 -24.38 12.52 -10.34
CA ALA A 63 -25.27 12.33 -11.48
C ALA A 63 -25.02 10.99 -12.16
N LEU A 64 -23.75 10.59 -12.28
CA LEU A 64 -23.48 9.28 -12.85
C LEU A 64 -24.15 8.19 -12.04
N LEU A 65 -24.07 8.27 -10.70
CA LEU A 65 -24.68 7.24 -9.85
C LEU A 65 -26.18 7.16 -10.09
N ILE A 66 -26.86 8.30 -10.10
CA ILE A 66 -28.32 8.29 -10.27
C ILE A 66 -28.70 7.80 -11.66
N SER A 67 -27.82 7.95 -12.65
CA SER A 67 -28.06 7.46 -14.00
C SER A 67 -27.94 5.96 -14.13
N MET A 68 -27.44 5.26 -13.12
CA MET A 68 -27.25 3.83 -13.18
C MET A 68 -28.52 3.07 -12.81
N THR A 69 -28.60 1.85 -13.34
N THR A 69 -28.63 1.86 -13.36
N THR A 69 -28.61 1.85 -13.35
CA THR A 69 -29.53 0.81 -12.92
CA THR A 69 -29.54 0.82 -12.90
CA THR A 69 -29.53 0.83 -12.88
C THR A 69 -28.72 -0.42 -12.54
C THR A 69 -28.73 -0.42 -12.54
C THR A 69 -28.72 -0.42 -12.55
N ASN A 70 -29.38 -1.40 -11.90
CA ASN A 70 -28.68 -2.66 -11.62
C ASN A 70 -28.20 -3.31 -12.91
N HIS A 71 -28.99 -3.13 -13.99
CA HIS A 71 -28.67 -3.50 -15.37
C HIS A 71 -27.45 -2.77 -15.92
N SER A 72 -26.95 -1.74 -15.26
CA SER A 72 -25.80 -1.03 -15.79
C SER A 72 -24.49 -1.74 -15.54
N PHE A 73 -24.45 -2.70 -14.60
CA PHE A 73 -23.22 -3.32 -14.15
C PHE A 73 -23.22 -4.80 -14.50
N SER A 74 -22.08 -5.25 -15.03
CA SER A 74 -21.81 -6.66 -15.29
C SER A 74 -20.65 -7.07 -14.40
N VAL A 75 -20.81 -8.13 -13.63
CA VAL A 75 -19.78 -8.65 -12.75
C VAL A 75 -19.51 -10.10 -13.12
N GLN A 76 -18.23 -10.42 -13.34
CA GLN A 76 -17.81 -11.76 -13.76
C GLN A 76 -16.62 -12.24 -12.93
N LYS A 77 -16.68 -13.49 -12.46
CA LYS A 77 -15.51 -14.16 -11.88
C LYS A 77 -14.98 -15.16 -12.90
N HIS A 78 -13.66 -15.15 -13.12
CA HIS A 78 -13.07 -15.91 -14.22
C HIS A 78 -12.36 -17.17 -13.79
N ILE A 79 -11.66 -17.16 -12.68
CA ILE A 79 -10.73 -18.24 -12.36
C ILE A 79 -11.28 -19.08 -11.21
N GLY A 80 -10.99 -20.37 -11.27
CA GLY A 80 -11.28 -21.26 -10.17
C GLY A 80 -12.73 -21.68 -10.09
N ALA A 81 -13.61 -20.74 -9.74
CA ALA A 81 -15.05 -20.97 -9.63
C ALA A 81 -15.75 -19.91 -10.48
N PRO A 82 -15.76 -20.09 -11.81
CA PRO A 82 -16.30 -19.04 -12.70
C PRO A 82 -17.77 -18.77 -12.40
N ALA A 83 -18.18 -17.52 -12.63
CA ALA A 83 -19.56 -17.14 -12.37
C ALA A 83 -19.82 -15.77 -12.96
N ASN A 84 -21.02 -15.57 -13.49
CA ASN A 84 -21.58 -14.24 -13.76
C ASN A 84 -22.47 -13.88 -12.58
N LEU A 85 -22.20 -12.73 -11.95
CA LEU A 85 -22.90 -12.33 -10.73
C LEU A 85 -23.92 -11.27 -11.04
N ARG A 86 -25.17 -11.53 -10.69
CA ARG A 86 -26.22 -10.57 -10.97
C ARG A 86 -26.19 -9.45 -9.93
N VAL A 87 -26.08 -8.21 -10.40
CA VAL A 87 -26.14 -7.06 -9.49
C VAL A 87 -27.60 -6.78 -9.15
N VAL A 88 -27.89 -6.66 -7.85
CA VAL A 88 -29.23 -6.40 -7.36
C VAL A 88 -29.34 -5.09 -6.61
N GLY A 89 -28.24 -4.39 -6.38
CA GLY A 89 -28.29 -3.05 -5.82
C GLY A 89 -26.96 -2.37 -6.00
N HIS A 90 -26.97 -1.06 -5.88
CA HIS A 90 -25.72 -0.32 -6.02
C HIS A 90 -25.75 0.92 -5.14
N ALA A 91 -24.57 1.31 -4.66
CA ALA A 91 -24.41 2.47 -3.80
C ALA A 91 -22.99 2.96 -3.96
N MET A 92 -22.78 4.21 -3.60
CA MET A 92 -21.48 4.84 -3.68
C MET A 92 -21.02 5.17 -2.27
N GLN A 93 -19.78 4.82 -1.95
CA GLN A 93 -19.15 5.19 -0.69
C GLN A 93 -17.84 5.90 -1.05
N GLY A 94 -17.85 7.24 -0.95
CA GLY A 94 -16.67 8.00 -1.34
C GLY A 94 -16.29 7.69 -2.77
N THR A 95 -15.05 7.23 -3.00
CA THR A 95 -14.53 6.93 -4.32
C THR A 95 -14.74 5.51 -4.76
N LEU A 96 -15.54 4.74 -4.02
CA LEU A 96 -15.84 3.35 -4.35
C LEU A 96 -17.32 3.15 -4.57
N LEU A 97 -17.65 2.22 -5.44
CA LEU A 97 -18.97 1.65 -5.49
C LEU A 97 -19.04 0.38 -4.67
N LYS A 98 -20.21 0.17 -4.06
CA LYS A 98 -20.56 -1.04 -3.34
C LYS A 98 -21.72 -1.61 -4.16
N LEU A 99 -21.45 -2.66 -4.92
CA LEU A 99 -22.49 -3.37 -5.65
C LEU A 99 -22.96 -4.55 -4.82
N THR A 100 -24.26 -4.71 -4.69
CA THR A 100 -24.82 -5.87 -4.02
C THR A 100 -25.13 -6.89 -5.10
N VAL A 101 -24.69 -8.11 -4.88
CA VAL A 101 -24.89 -9.19 -5.83
C VAL A 101 -25.73 -10.29 -5.17
N ASP A 102 -26.31 -11.14 -6.02
CA ASP A 102 -27.24 -12.13 -5.53
C ASP A 102 -26.59 -13.42 -5.02
N VAL A 103 -25.28 -13.58 -5.16
CA VAL A 103 -24.59 -14.76 -4.64
C VAL A 103 -23.52 -14.29 -3.66
N ALA A 104 -23.46 -14.93 -2.49
CA ALA A 104 -22.38 -14.66 -1.57
C ALA A 104 -21.15 -15.44 -2.00
N ASN A 105 -19.99 -14.76 -2.01
CA ASN A 105 -18.76 -15.44 -2.38
C ASN A 105 -18.49 -16.60 -1.42
N PRO A 106 -18.53 -17.85 -1.90
CA PRO A 106 -18.28 -18.99 -1.00
C PRO A 106 -16.85 -19.05 -0.48
N SER A 107 -15.95 -18.30 -1.10
CA SER A 107 -14.56 -18.26 -0.69
C SER A 107 -14.21 -16.97 0.03
N THR A 108 -15.17 -16.30 0.61
CA THR A 108 -14.90 -15.10 1.38
C THR A 108 -14.02 -15.45 2.58
N PRO A 109 -12.85 -14.85 2.71
CA PRO A 109 -12.00 -15.12 3.88
C PRO A 109 -12.53 -14.32 5.06
N ALA A 110 -12.01 -14.62 6.25
CA ALA A 110 -12.19 -13.71 7.38
C ALA A 110 -11.48 -12.41 7.03
N TYR A 111 -12.15 -11.27 7.23
CA TYR A 111 -11.56 -10.01 6.79
C TYR A 111 -12.00 -8.83 7.65
N THR A 112 -11.21 -7.75 7.54
CA THR A 112 -11.52 -6.44 8.06
C THR A 112 -11.10 -5.43 7.01
N PHE A 113 -11.52 -4.18 7.22
CA PHE A 113 -11.02 -3.05 6.47
C PHE A 113 -10.26 -2.12 7.40
N THR A 114 -9.08 -1.68 6.99
CA THR A 114 -8.26 -0.78 7.78
C THR A 114 -7.57 0.22 6.85
N THR A 115 -7.14 1.32 7.41
CA THR A 115 -6.24 2.23 6.71
C THR A 115 -4.79 1.99 7.10
N VAL A 116 -3.93 1.99 6.12
CA VAL A 116 -2.50 1.82 6.31
C VAL A 116 -1.87 3.21 6.50
N LYS A 117 -0.82 3.26 7.33
CA LYS A 117 -0.15 4.51 7.63
C LYS A 117 1.20 4.59 6.92
N PRO A 118 1.71 5.80 6.76
CA PRO A 118 3.03 5.96 6.14
C PRO A 118 4.07 5.11 6.85
N GLY A 119 4.91 4.48 6.03
CA GLY A 119 5.97 3.63 6.49
C GLY A 119 5.57 2.17 6.59
N ALA A 120 4.28 1.89 6.74
CA ALA A 120 3.84 0.52 6.88
C ALA A 120 3.75 -0.17 5.53
N ALA A 121 4.01 -1.48 5.54
CA ALA A 121 4.04 -2.30 4.35
C ALA A 121 2.72 -3.02 4.14
N PHE A 122 2.41 -3.28 2.88
CA PHE A 122 1.26 -4.09 2.55
C PHE A 122 1.51 -4.80 1.23
N SER A 123 0.75 -5.85 0.99
CA SER A 123 0.86 -6.66 -0.20
C SER A 123 -0.21 -6.22 -1.19
N VAL A 124 0.14 -6.25 -2.46
CA VAL A 124 -0.77 -5.88 -3.54
C VAL A 124 -0.93 -7.07 -4.47
N LEU A 125 -2.17 -7.31 -4.86
CA LEU A 125 -2.49 -8.27 -5.92
C LEU A 125 -2.90 -7.45 -7.15
N ALA A 126 -1.98 -7.39 -8.12
CA ALA A 126 -2.24 -6.70 -9.37
C ALA A 126 -3.08 -7.58 -10.28
N CYS A 127 -4.16 -7.02 -10.81
N CYS A 127 -4.13 -6.98 -10.84
CA CYS A 127 -5.14 -7.74 -11.61
CA CYS A 127 -5.20 -7.68 -11.55
C CYS A 127 -5.52 -6.92 -12.82
C CYS A 127 -5.57 -6.90 -12.81
N TYR A 128 -5.88 -7.62 -13.89
CA TYR A 128 -6.33 -7.02 -15.15
C TYR A 128 -7.51 -7.86 -15.62
N ASN A 129 -8.61 -7.20 -15.95
CA ASN A 129 -9.81 -7.90 -16.43
C ASN A 129 -10.28 -8.99 -15.46
N GLY A 130 -10.15 -8.72 -14.17
CA GLY A 130 -10.53 -9.65 -13.14
C GLY A 130 -9.60 -10.85 -12.98
N ARG A 131 -8.46 -10.84 -13.63
CA ARG A 131 -7.52 -11.94 -13.53
C ARG A 131 -6.25 -11.51 -12.79
N PRO A 132 -5.92 -12.15 -11.68
CA PRO A 132 -4.69 -11.78 -10.97
C PRO A 132 -3.48 -12.10 -11.84
N THR A 133 -2.54 -11.14 -11.90
CA THR A 133 -1.36 -11.31 -12.72
CA THR A 133 -1.37 -11.21 -12.74
C THR A 133 -0.06 -11.22 -11.95
N GLY A 134 -0.03 -10.60 -10.80
CA GLY A 134 1.22 -10.52 -10.05
C GLY A 134 0.97 -10.04 -8.65
N THR A 135 1.96 -10.27 -7.79
CA THR A 135 1.88 -9.75 -6.43
C THR A 135 3.22 -9.13 -6.05
N PHE A 136 3.13 -8.09 -5.24
CA PHE A 136 4.30 -7.35 -4.81
C PHE A 136 3.96 -6.68 -3.49
N THR A 137 4.98 -6.14 -2.83
CA THR A 137 4.78 -5.44 -1.57
C THR A 137 5.35 -4.04 -1.68
N VAL A 138 4.68 -3.10 -1.04
CA VAL A 138 5.09 -1.70 -1.02
C VAL A 138 4.96 -1.18 0.40
N VAL A 139 5.63 -0.08 0.68
CA VAL A 139 5.39 0.72 1.88
CA VAL A 139 5.37 0.71 1.88
C VAL A 139 4.59 1.97 1.47
N MET A 140 3.60 2.33 2.27
CA MET A 140 2.91 3.60 2.05
C MET A 140 3.92 4.73 2.28
N ARG A 141 4.07 5.59 1.29
CA ARG A 141 5.03 6.69 1.43
C ARG A 141 4.45 7.78 2.33
N PRO A 142 5.31 8.62 2.92
CA PRO A 142 4.84 9.77 3.70
C PRO A 142 3.94 10.73 2.94
N ASN A 143 3.97 10.74 1.61
CA ASN A 143 3.09 11.60 0.82
C ASN A 143 1.90 10.84 0.27
N TYR A 144 1.64 9.65 0.79
N TYR A 144 1.63 9.65 0.82
CA TYR A 144 0.40 8.93 0.50
CA TYR A 144 0.42 8.88 0.56
C TYR A 144 0.33 8.46 -0.94
C TYR A 144 0.33 8.37 -0.88
N THR A 145 1.49 8.12 -1.46
CA THR A 145 1.63 7.38 -2.71
C THR A 145 2.34 6.07 -2.39
N ILE A 146 2.29 5.15 -3.33
CA ILE A 146 3.10 3.94 -3.30
C ILE A 146 3.90 3.84 -4.58
N LYS A 147 5.05 3.16 -4.49
CA LYS A 147 5.91 2.95 -5.65
C LYS A 147 5.57 1.58 -6.20
N GLY A 148 4.47 1.53 -6.95
CA GLY A 148 3.92 0.29 -7.43
C GLY A 148 4.27 -0.02 -8.87
N SER A 149 3.51 -0.93 -9.45
CA SER A 149 3.71 -1.35 -10.82
C SER A 149 2.31 -1.68 -11.34
N PHE A 150 1.72 -0.71 -12.01
CA PHE A 150 0.34 -0.77 -12.42
C PHE A 150 0.23 -0.13 -13.80
N LEU A 151 -0.56 -0.75 -14.67
CA LEU A 151 -0.79 -0.28 -16.03
C LEU A 151 -2.29 -0.04 -16.25
N CYS A 152 -2.64 0.42 -17.43
CA CYS A 152 -4.06 0.55 -17.75
CA CYS A 152 -4.05 0.54 -17.80
C CYS A 152 -4.78 -0.78 -17.49
N GLY A 153 -5.95 -0.67 -16.88
CA GLY A 153 -6.75 -1.81 -16.54
C GLY A 153 -6.53 -2.36 -15.14
N SER A 154 -5.58 -1.81 -14.39
CA SER A 154 -5.25 -2.33 -13.08
C SER A 154 -6.12 -1.77 -11.96
N CYS A 155 -6.96 -0.76 -12.23
CA CYS A 155 -7.74 -0.18 -11.15
C CYS A 155 -8.66 -1.24 -10.55
N GLY A 156 -8.84 -1.13 -9.24
CA GLY A 156 -9.54 -2.13 -8.48
C GLY A 156 -8.67 -3.23 -7.96
N SER A 157 -7.41 -3.29 -8.38
CA SER A 157 -6.42 -4.15 -7.72
C SER A 157 -6.37 -3.75 -6.25
N VAL A 158 -6.12 -4.73 -5.39
CA VAL A 158 -6.26 -4.51 -3.96
C VAL A 158 -4.95 -4.73 -3.20
N GLY A 159 -4.82 -3.97 -2.11
CA GLY A 159 -3.73 -4.14 -1.17
C GLY A 159 -4.26 -4.54 0.20
N TYR A 160 -3.45 -5.30 0.94
N TYR A 160 -3.44 -5.28 0.94
CA TYR A 160 -3.92 -5.91 2.17
CA TYR A 160 -3.92 -5.88 2.18
C TYR A 160 -2.73 -6.31 3.03
C TYR A 160 -2.75 -6.32 3.03
N THR A 161 -3.01 -6.46 4.32
CA THR A 161 -2.13 -7.11 5.27
C THR A 161 -2.89 -8.31 5.81
N LYS A 162 -2.22 -9.17 6.58
CA LYS A 162 -2.87 -10.35 7.14
C LYS A 162 -2.43 -10.49 8.58
N GLU A 163 -3.40 -10.74 9.47
CA GLU A 163 -3.13 -11.04 10.87
C GLU A 163 -3.73 -12.40 11.13
N GLY A 164 -2.89 -13.41 11.34
CA GLY A 164 -3.38 -14.77 11.37
C GLY A 164 -4.05 -15.08 10.04
N SER A 165 -5.26 -15.60 10.10
CA SER A 165 -6.03 -15.91 8.90
C SER A 165 -6.88 -14.73 8.43
N VAL A 166 -6.85 -13.59 9.13
CA VAL A 166 -7.72 -12.47 8.79
C VAL A 166 -7.02 -11.53 7.81
N ILE A 167 -7.68 -11.25 6.71
CA ILE A 167 -7.16 -10.35 5.71
C ILE A 167 -7.66 -8.95 6.03
N ASN A 168 -6.72 -8.01 6.15
CA ASN A 168 -7.05 -6.59 6.39
C ASN A 168 -6.86 -5.84 5.09
N PHE A 169 -7.97 -5.59 4.41
CA PHE A 169 -7.92 -4.88 3.15
C PHE A 169 -7.74 -3.39 3.42
N CYS A 170 -6.77 -2.79 2.76
CA CYS A 170 -6.36 -1.40 3.05
C CYS A 170 -6.24 -0.51 1.83
N TYR A 171 -6.32 -1.04 0.61
CA TYR A 171 -6.04 -0.23 -0.57
C TYR A 171 -6.81 -0.80 -1.75
N MET A 172 -7.39 0.11 -2.54
CA MET A 172 -7.94 -0.24 -3.84
C MET A 172 -7.38 0.75 -4.86
N HIS A 173 -6.75 0.23 -5.89
CA HIS A 173 -5.94 1.06 -6.76
C HIS A 173 -6.81 1.96 -7.64
N GLN A 174 -6.37 3.23 -7.80
CA GLN A 174 -7.11 4.22 -8.59
C GLN A 174 -6.31 4.98 -9.65
N MET A 175 -5.07 5.34 -9.35
CA MET A 175 -4.41 6.24 -10.32
C MET A 175 -2.89 6.19 -10.26
N GLU A 176 -2.30 6.78 -11.27
CA GLU A 176 -0.85 6.97 -11.38
C GLU A 176 -0.56 8.45 -11.47
N LEU A 177 0.40 8.90 -10.69
CA LEU A 177 0.80 10.29 -10.63
C LEU A 177 1.93 10.54 -11.62
N ALA A 178 2.21 11.82 -11.85
CA ALA A 178 3.15 12.19 -12.91
C ALA A 178 4.56 11.67 -12.65
N ASN A 179 4.94 11.47 -11.39
CA ASN A 179 6.27 10.98 -11.06
C ASN A 179 6.35 9.46 -11.06
N GLY A 180 5.31 8.78 -11.57
CA GLY A 180 5.35 7.34 -11.71
C GLY A 180 4.84 6.58 -10.50
N THR A 181 4.51 7.27 -9.41
CA THR A 181 3.96 6.61 -8.23
C THR A 181 2.45 6.48 -8.39
N HIS A 182 1.84 5.83 -7.42
CA HIS A 182 0.46 5.39 -7.49
C HIS A 182 -0.29 5.73 -6.23
N THR A 183 -1.61 5.87 -6.36
CA THR A 183 -2.44 5.98 -5.18
C THR A 183 -3.81 5.40 -5.44
N GLY A 184 -4.56 5.33 -4.36
CA GLY A 184 -5.85 4.67 -4.38
C GLY A 184 -6.63 5.02 -3.13
N SER A 185 -7.65 4.22 -2.88
CA SER A 185 -8.60 4.46 -1.81
C SER A 185 -8.51 3.41 -0.72
N ALA A 186 -8.88 3.81 0.49
CA ALA A 186 -9.22 2.86 1.51
C ALA A 186 -10.67 2.44 1.33
N PHE A 187 -11.09 1.39 2.03
CA PHE A 187 -12.41 0.84 1.85
C PHE A 187 -13.49 1.62 2.56
N ASP A 188 -13.15 2.72 3.25
CA ASP A 188 -14.14 3.71 3.61
C ASP A 188 -14.41 4.66 2.47
N GLY A 189 -13.77 4.46 1.33
CA GLY A 189 -13.99 5.31 0.18
C GLY A 189 -13.15 6.55 0.12
N THR A 190 -12.36 6.85 1.15
CA THR A 190 -11.49 8.00 1.07
C THR A 190 -10.25 7.67 0.27
N MET A 191 -9.82 8.60 -0.56
N MET A 191 -9.80 8.61 -0.55
CA MET A 191 -8.51 8.48 -1.18
CA MET A 191 -8.51 8.49 -1.20
C MET A 191 -7.45 8.71 -0.13
C MET A 191 -7.39 8.82 -0.22
N TYR A 192 -6.33 8.02 -0.28
CA TYR A 192 -5.16 8.34 0.51
C TYR A 192 -4.67 9.74 0.14
N GLY A 193 -4.19 10.45 1.13
CA GLY A 193 -3.71 11.78 0.85
C GLY A 193 -4.82 12.76 0.48
N ALA A 194 -4.41 13.80 -0.25
CA ALA A 194 -5.30 14.85 -0.72
C ALA A 194 -5.74 14.60 -2.16
N PHE A 195 -5.56 13.38 -2.65
CA PHE A 195 -5.83 13.10 -4.05
C PHE A 195 -7.33 12.98 -4.32
N MET A 196 -7.70 13.25 -5.58
CA MET A 196 -9.07 13.11 -6.06
C MET A 196 -9.10 12.17 -7.26
N ASP A 197 -10.20 11.40 -7.39
CA ASP A 197 -10.31 10.42 -8.47
C ASP A 197 -10.85 11.10 -9.73
N LYS A 198 -10.05 12.00 -10.25
CA LYS A 198 -10.35 12.74 -11.47
C LYS A 198 -9.06 12.76 -12.28
N GLN A 199 -9.22 12.75 -13.60
CA GLN A 199 -8.09 12.72 -14.52
C GLN A 199 -7.59 14.14 -14.78
N VAL A 200 -6.99 14.70 -13.73
CA VAL A 200 -6.36 16.02 -13.77
C VAL A 200 -5.04 15.92 -13.01
N HIS A 201 -4.08 16.74 -13.41
CA HIS A 201 -2.81 16.79 -12.69
C HIS A 201 -3.04 17.35 -11.30
N GLN A 202 -2.36 16.76 -10.31
CA GLN A 202 -2.61 17.13 -8.93
C GLN A 202 -1.32 17.39 -8.19
N VAL A 203 -1.39 18.29 -7.21
CA VAL A 203 -0.26 18.55 -6.34
C VAL A 203 0.09 17.24 -5.63
N GLN A 204 1.35 16.84 -5.72
CA GLN A 204 1.85 15.71 -4.95
C GLN A 204 2.73 16.24 -3.83
N LEU A 205 2.47 15.83 -2.61
CA LEU A 205 3.24 16.35 -1.50
C LEU A 205 4.67 15.79 -1.55
N THR A 206 5.58 16.47 -0.86
N THR A 206 5.57 16.44 -0.84
CA THR A 206 6.94 15.98 -0.80
CA THR A 206 6.97 16.02 -0.83
C THR A 206 7.00 14.61 -0.14
C THR A 206 7.10 14.69 -0.09
N ASP A 207 7.80 13.74 -0.70
CA ASP A 207 8.12 12.49 -0.02
C ASP A 207 9.23 12.76 0.98
N LYS A 208 9.39 11.81 1.91
CA LYS A 208 10.38 11.89 2.97
C LYS A 208 10.93 10.50 3.20
N TYR A 209 12.15 10.41 3.74
CA TYR A 209 12.62 9.13 4.25
C TYR A 209 11.83 8.74 5.49
N CYS A 210 11.47 7.46 5.58
CA CYS A 210 10.74 6.93 6.74
CA CYS A 210 10.76 6.95 6.75
C CYS A 210 11.77 6.53 7.79
N SER A 211 11.96 7.38 8.79
N SER A 211 11.95 7.36 8.81
CA SER A 211 13.03 7.20 9.77
CA SER A 211 13.06 7.19 9.76
C SER A 211 12.97 5.86 10.49
C SER A 211 12.97 5.85 10.50
N VAL A 212 11.76 5.44 10.90
CA VAL A 212 11.63 4.17 11.61
C VAL A 212 12.12 3.00 10.76
N ASN A 213 11.89 3.05 9.44
CA ASN A 213 12.31 1.98 8.56
C ASN A 213 13.81 2.03 8.30
N VAL A 214 14.38 3.23 8.26
CA VAL A 214 15.84 3.33 8.17
C VAL A 214 16.49 2.71 9.41
N VAL A 215 15.97 3.03 10.60
CA VAL A 215 16.43 2.39 11.82
C VAL A 215 16.35 0.87 11.74
N ALA A 216 15.21 0.35 11.25
CA ALA A 216 15.05 -1.09 11.08
C ALA A 216 16.16 -1.68 10.20
N TRP A 217 16.45 -1.01 9.08
CA TRP A 217 17.45 -1.52 8.14
C TRP A 217 18.85 -1.48 8.76
N LEU A 218 19.16 -0.43 9.52
CA LEU A 218 20.43 -0.40 10.23
C LEU A 218 20.52 -1.55 11.24
N TYR A 219 19.42 -1.87 11.93
CA TYR A 219 19.41 -3.05 12.79
C TYR A 219 19.65 -4.33 11.97
N ALA A 220 19.00 -4.45 10.81
CA ALA A 220 19.24 -5.61 9.95
C ALA A 220 20.73 -5.72 9.60
N ALA A 221 21.37 -4.58 9.37
CA ALA A 221 22.80 -4.60 9.08
C ALA A 221 23.58 -5.16 10.27
N ILE A 222 23.29 -4.68 11.48
CA ILE A 222 23.96 -5.19 12.67
C ILE A 222 23.73 -6.69 12.84
N LEU A 223 22.49 -7.15 12.62
CA LEU A 223 22.17 -8.56 12.72
C LEU A 223 22.92 -9.39 11.69
N ASN A 224 23.46 -8.75 10.66
CA ASN A 224 24.30 -9.43 9.69
C ASN A 224 25.79 -9.21 9.91
N GLY A 225 26.17 -8.63 11.05
CA GLY A 225 27.59 -8.42 11.37
C GLY A 225 28.16 -7.13 10.81
N CYS A 226 27.32 -6.26 10.28
CA CYS A 226 27.75 -5.01 9.64
C CYS A 226 27.38 -3.88 10.60
N ALA A 227 28.38 -3.36 11.31
CA ALA A 227 28.13 -2.37 12.34
C ALA A 227 29.18 -1.25 12.39
N TRP A 228 29.86 -0.99 11.26
CA TRP A 228 30.92 0.02 11.25
C TRP A 228 30.39 1.41 11.58
N PHE A 229 29.10 1.65 11.33
CA PHE A 229 28.46 2.95 11.53
C PHE A 229 27.97 3.15 12.95
N VAL A 230 28.11 2.17 13.82
CA VAL A 230 27.67 2.27 15.20
C VAL A 230 28.80 2.84 16.02
N LYS A 231 28.51 3.92 16.74
CA LYS A 231 29.46 4.59 17.62
C LYS A 231 28.79 4.77 18.97
N PRO A 232 29.56 5.08 20.02
CA PRO A 232 28.93 5.40 21.31
C PRO A 232 28.01 6.60 21.25
N ASN A 233 28.22 7.50 20.29
CA ASN A 233 27.43 8.71 20.18
C ASN A 233 25.94 8.42 20.02
N ARG A 234 25.12 9.28 20.62
CA ARG A 234 23.68 9.15 20.61
C ARG A 234 23.03 10.50 20.31
N THR A 235 21.89 10.43 19.63
CA THR A 235 20.99 11.57 19.46
C THR A 235 19.65 11.17 20.02
N SER A 236 19.07 12.03 20.86
CA SER A 236 17.79 11.71 21.47
C SER A 236 16.69 11.75 20.40
N VAL A 237 15.57 11.09 20.71
CA VAL A 237 14.43 11.14 19.80
C VAL A 237 13.95 12.56 19.56
N VAL A 238 13.86 13.37 20.63
CA VAL A 238 13.40 14.74 20.45
CA VAL A 238 13.41 14.74 20.46
C VAL A 238 14.35 15.52 19.56
N SER A 239 15.66 15.39 19.80
CA SER A 239 16.63 16.12 18.99
C SER A 239 16.63 15.63 17.54
N PHE A 240 16.61 14.31 17.35
CA PHE A 240 16.51 13.76 16.00
C PHE A 240 15.29 14.29 15.28
N ASN A 241 14.16 14.34 15.98
CA ASN A 241 12.93 14.78 15.32
C ASN A 241 12.99 16.23 14.87
N GLU A 242 13.64 17.11 15.64
CA GLU A 242 13.83 18.48 15.17
C GLU A 242 14.69 18.49 13.92
N TRP A 243 15.74 17.67 13.90
CA TRP A 243 16.61 17.57 12.73
C TRP A 243 15.83 17.02 11.54
N ALA A 244 14.99 16.03 11.78
CA ALA A 244 14.25 15.37 10.69
C ALA A 244 13.39 16.37 9.93
N LEU A 245 12.76 17.30 10.64
CA LEU A 245 11.89 18.29 10.01
C LEU A 245 12.65 19.17 9.03
N ALA A 246 13.93 19.38 9.26
CA ALA A 246 14.74 20.21 8.38
C ALA A 246 15.43 19.40 7.30
N ASN A 247 15.31 18.08 7.31
CA ASN A 247 16.13 17.24 6.44
C ASN A 247 15.31 16.21 5.69
N GLN A 248 14.00 16.41 5.59
CA GLN A 248 13.11 15.56 4.79
C GLN A 248 13.10 14.11 5.29
N PHE A 249 13.11 13.96 6.61
CA PHE A 249 12.83 12.69 7.26
C PHE A 249 11.53 12.79 8.03
N THR A 250 10.83 11.67 8.13
CA THR A 250 9.69 11.62 9.05
C THR A 250 10.21 11.70 10.48
N GLU A 251 9.37 12.22 11.36
CA GLU A 251 9.68 12.13 12.77
C GLU A 251 9.61 10.67 13.22
N PHE A 252 10.56 10.30 14.07
CA PHE A 252 10.68 8.94 14.57
C PHE A 252 9.75 8.71 15.76
N VAL A 253 8.99 7.62 15.70
CA VAL A 253 8.14 7.13 16.78
C VAL A 253 8.48 5.68 17.00
N GLY A 254 9.05 5.38 18.17
CA GLY A 254 9.44 4.02 18.45
C GLY A 254 8.24 3.12 18.70
N THR A 255 8.49 1.83 18.49
CA THR A 255 7.49 0.77 18.66
C THR A 255 8.13 -0.42 19.34
N GLN A 256 7.27 -1.32 19.82
CA GLN A 256 7.75 -2.56 20.42
C GLN A 256 8.62 -3.35 19.44
N SER A 257 8.27 -3.32 18.16
CA SER A 257 9.06 -4.02 17.14
CA SER A 257 9.06 -4.03 17.15
C SER A 257 10.48 -3.47 17.07
N VAL A 258 10.63 -2.15 17.11
CA VAL A 258 11.96 -1.56 17.13
C VAL A 258 12.69 -1.93 18.42
N ASP A 259 11.98 -1.88 19.55
CA ASP A 259 12.61 -2.21 20.82
C ASP A 259 13.16 -3.63 20.82
N MET A 260 12.45 -4.56 20.17
CA MET A 260 12.97 -5.94 20.10
C MET A 260 14.30 -6.00 19.38
N LEU A 261 14.48 -5.18 18.34
CA LEU A 261 15.75 -5.15 17.64
C LEU A 261 16.85 -4.55 18.51
N ALA A 262 16.51 -3.50 19.26
CA ALA A 262 17.46 -2.91 20.20
C ALA A 262 17.91 -3.91 21.23
N VAL A 263 16.98 -4.70 21.78
CA VAL A 263 17.35 -5.68 22.81
C VAL A 263 18.23 -6.77 22.20
N LYS A 264 17.87 -7.26 21.02
CA LYS A 264 18.62 -8.37 20.42
C LYS A 264 20.04 -7.96 20.08
N THR A 265 20.22 -6.78 19.52
CA THR A 265 21.53 -6.34 19.09
C THR A 265 22.34 -5.65 20.18
N GLY A 266 21.70 -5.16 21.25
CA GLY A 266 22.43 -4.37 22.22
C GLY A 266 22.81 -2.98 21.76
N VAL A 267 22.22 -2.51 20.67
CA VAL A 267 22.48 -1.18 20.13
C VAL A 267 21.23 -0.33 20.35
N ALA A 268 21.40 0.82 21.01
CA ALA A 268 20.27 1.67 21.35
C ALA A 268 19.76 2.42 20.13
N ILE A 269 18.45 2.68 20.12
CA ILE A 269 17.83 3.48 19.07
C ILE A 269 18.60 4.78 18.86
N GLU A 270 18.96 5.44 19.96
CA GLU A 270 19.59 6.74 19.88
C GLU A 270 20.96 6.68 19.24
N GLN A 271 21.63 5.54 19.33
CA GLN A 271 22.88 5.37 18.57
C GLN A 271 22.61 5.37 17.07
N LEU A 272 21.52 4.75 16.65
CA LEU A 272 21.21 4.71 15.22
C LEU A 272 20.62 6.03 14.72
N LEU A 273 19.94 6.79 15.58
CA LEU A 273 19.50 8.12 15.16
C LEU A 273 20.70 9.02 14.87
N TYR A 274 21.74 8.96 15.72
CA TYR A 274 23.00 9.64 15.45
C TYR A 274 23.63 9.14 14.15
N ALA A 275 23.66 7.81 13.96
CA ALA A 275 24.25 7.29 12.73
C ALA A 275 23.52 7.80 11.49
N ILE A 276 22.19 7.86 11.55
CA ILE A 276 21.45 8.36 10.40
C ILE A 276 21.86 9.78 10.03
N GLN A 277 21.99 10.65 11.03
CA GLN A 277 22.36 12.03 10.77
C GLN A 277 23.70 12.10 10.06
N GLN A 278 24.64 11.22 10.45
CA GLN A 278 25.96 11.22 9.82
C GLN A 278 25.91 10.60 8.43
N LEU A 279 25.21 9.48 8.31
CA LEU A 279 25.13 8.78 7.03
C LEU A 279 24.39 9.62 5.99
N TYR A 280 23.40 10.42 6.42
CA TYR A 280 22.69 11.27 5.48
C TYR A 280 23.63 12.25 4.78
N THR A 281 24.70 12.67 5.45
CA THR A 281 25.68 13.55 4.83
C THR A 281 26.61 12.81 3.87
N GLY A 282 26.65 11.49 3.91
CA GLY A 282 27.46 10.71 2.99
C GLY A 282 28.03 9.46 3.63
N PHE A 283 28.12 8.36 2.88
CA PHE A 283 28.63 7.09 3.39
C PHE A 283 30.15 6.99 3.36
N GLN A 284 30.84 8.01 2.86
CA GLN A 284 32.31 8.02 2.81
C GLN A 284 32.85 6.80 2.07
N GLY A 285 32.19 6.44 0.98
CA GLY A 285 32.67 5.36 0.13
C GLY A 285 32.40 3.98 0.67
N LYS A 286 31.74 3.86 1.81
CA LYS A 286 31.45 2.58 2.40
C LYS A 286 30.06 2.13 1.97
N GLN A 287 29.75 0.88 2.24
CA GLN A 287 28.45 0.34 1.94
C GLN A 287 27.84 -0.25 3.20
N ILE A 288 26.51 -0.27 3.25
CA ILE A 288 25.76 -0.96 4.29
C ILE A 288 24.80 -1.89 3.57
N LEU A 289 24.96 -3.19 3.82
CA LEU A 289 24.14 -4.21 3.15
C LEU A 289 24.07 -3.97 1.64
N GLY A 290 25.23 -3.68 1.07
CA GLY A 290 25.37 -3.53 -0.37
C GLY A 290 24.88 -2.23 -0.92
N SER A 291 24.51 -1.29 -0.08
CA SER A 291 23.92 -0.04 -0.51
C SER A 291 24.81 1.14 -0.09
N THR A 292 24.82 2.18 -0.92
CA THR A 292 25.48 3.43 -0.57
C THR A 292 24.50 4.53 -0.25
N MET A 293 23.22 4.19 -0.04
CA MET A 293 22.24 5.15 0.41
C MET A 293 21.35 4.49 1.45
N LEU A 294 20.71 5.35 2.24
CA LEU A 294 19.80 4.86 3.27
C LEU A 294 18.63 4.14 2.62
N GLU A 295 18.22 3.03 3.24
CA GLU A 295 17.08 2.23 2.76
C GLU A 295 15.91 2.35 3.74
N ASP A 296 14.73 2.68 3.23
CA ASP A 296 13.55 2.85 4.06
C ASP A 296 12.37 1.98 3.63
N GLU A 297 12.61 0.97 2.81
CA GLU A 297 11.53 0.16 2.27
C GLU A 297 11.31 -1.13 3.05
N PHE A 298 12.03 -1.31 4.18
CA PHE A 298 11.85 -2.46 5.06
C PHE A 298 11.46 -1.99 6.46
N THR A 299 10.45 -2.62 7.02
CA THR A 299 9.90 -2.23 8.30
C THR A 299 10.57 -2.98 9.46
N PRO A 300 10.39 -2.47 10.69
CA PRO A 300 10.88 -3.23 11.86
C PRO A 300 10.30 -4.63 11.91
N GLU A 301 9.04 -4.78 11.51
CA GLU A 301 8.43 -6.10 11.50
C GLU A 301 9.08 -7.00 10.45
N ASP A 302 9.39 -6.46 9.27
CA ASP A 302 10.10 -7.25 8.27
C ASP A 302 11.41 -7.81 8.83
N VAL A 303 12.17 -6.98 9.54
CA VAL A 303 13.45 -7.44 10.05
C VAL A 303 13.24 -8.49 11.13
N ASN A 304 12.30 -8.25 12.02
CA ASN A 304 11.99 -9.21 13.09
C ASN A 304 11.58 -10.54 12.46
N MET A 305 10.71 -10.52 11.46
CA MET A 305 10.21 -11.78 10.89
C MET A 305 11.24 -12.47 10.02
N GLN A 306 11.87 -11.72 9.12
CA GLN A 306 12.68 -12.38 8.11
C GLN A 306 14.04 -12.80 8.65
N ILE A 307 14.63 -12.03 9.55
CA ILE A 307 15.94 -12.35 10.06
C ILE A 307 15.86 -13.06 11.40
N MET A 308 15.04 -12.57 12.30
CA MET A 308 14.98 -13.15 13.63
C MET A 308 13.93 -14.25 13.76
N GLY A 309 13.11 -14.43 12.74
CA GLY A 309 12.12 -15.48 12.77
C GLY A 309 11.06 -15.29 13.83
N VAL A 310 10.78 -14.05 14.19
CA VAL A 310 9.75 -13.77 15.17
C VAL A 310 8.40 -13.92 14.51
#